data_6PI4
#
_entry.id   6PI4
#
_cell.length_a   53.870
_cell.length_b   75.320
_cell.length_c   71.020
_cell.angle_alpha   90.000
_cell.angle_beta   90.000
_cell.angle_gamma   90.000
#
_symmetry.space_group_name_H-M   'C 2 2 21'
#
loop_
_entity.id
_entity.type
_entity.pdbx_description
1 polymer 'ATP synthase epsilon chain'
2 non-polymer 'CACODYLATE ION'
3 water water
#
_entity_poly.entity_id   1
_entity_poly.type   'polypeptide(L)'
_entity_poly.pdbx_seq_one_letter_code
;MAHHHHHHMADLNVEIVAVERELWSGPATFVFTRTTAGEIGILPRHIPLVAQLVDDAMVRVEREGEDDLRIAVDGGFLSV
TEETVRILVENAQFESEIDADAAKEDAASDDERTAAWGRARLRALGQID
;
_entity_poly.pdbx_strand_id   A
#
loop_
_chem_comp.id
_chem_comp.type
_chem_comp.name
_chem_comp.formula
CAC non-polymer 'CACODYLATE ION' 'C2 H6 As O2 -1'
#
# COMPACT_ATOMS: atom_id res chain seq x y z
N ASP A 11 -29.31 16.15 23.54
CA ASP A 11 -27.89 15.93 23.78
C ASP A 11 -27.03 16.27 22.57
N LEU A 12 -25.74 15.96 22.66
CA LEU A 12 -24.77 16.28 21.62
C LEU A 12 -24.46 15.06 20.77
N ASN A 13 -24.18 15.32 19.50
CA ASN A 13 -23.53 14.36 18.62
C ASN A 13 -22.06 14.71 18.55
N VAL A 14 -21.21 13.81 19.06
CA VAL A 14 -19.76 14.00 19.01
C VAL A 14 -19.19 13.16 17.88
N GLU A 15 -18.26 13.74 17.13
CA GLU A 15 -17.54 13.05 16.05
C GLU A 15 -16.05 13.25 16.27
N ILE A 16 -15.31 12.16 16.38
CA ILE A 16 -13.87 12.20 16.55
C ILE A 16 -13.22 11.76 15.24
N VAL A 17 -12.47 12.65 14.62
CA VAL A 17 -12.04 12.48 13.23
C VAL A 17 -10.52 12.62 13.17
N ALA A 18 -9.87 11.66 12.53
CA ALA A 18 -8.44 11.72 12.29
C ALA A 18 -8.21 12.36 10.92
N VAL A 19 -7.43 13.44 10.87
CA VAL A 19 -7.36 14.17 9.63
C VAL A 19 -6.52 13.38 8.62
N GLU A 20 -6.72 13.71 7.36
CA GLU A 20 -5.90 13.12 6.31
C GLU A 20 -4.44 13.50 6.55
N ARG A 21 -3.53 12.58 6.25
CA ARG A 21 -2.14 12.92 6.50
C ARG A 21 -1.20 12.20 5.53
N GLU A 22 -0.19 12.94 5.09
CA GLU A 22 0.78 12.39 4.16
C GLU A 22 1.77 11.53 4.94
N LEU A 23 1.83 10.26 4.58
CA LEU A 23 2.76 9.32 5.22
C LEU A 23 4.18 9.47 4.68
N TRP A 24 4.34 9.54 3.36
CA TRP A 24 5.64 9.68 2.72
C TRP A 24 5.44 10.31 1.35
N SER A 25 6.46 11.02 0.88
CA SER A 25 6.43 11.62 -0.46
C SER A 25 7.86 11.72 -0.98
N GLY A 26 8.13 11.15 -2.14
CA GLY A 26 9.48 11.12 -2.67
C GLY A 26 9.58 10.79 -4.14
N PRO A 27 10.79 10.90 -4.70
CA PRO A 27 10.98 10.56 -6.11
C PRO A 27 10.93 9.05 -6.30
N ALA A 28 10.52 8.64 -7.49
CA ALA A 28 10.50 7.24 -7.87
C ALA A 28 10.81 7.08 -9.35
N THR A 29 11.52 6.01 -9.69
CA THR A 29 11.69 5.59 -11.08
C THR A 29 10.59 4.61 -11.53
N PHE A 30 10.07 3.79 -10.61
CA PHE A 30 9.09 2.73 -10.92
C PHE A 30 8.19 2.54 -9.70
N VAL A 31 6.93 2.22 -9.94
CA VAL A 31 5.99 1.90 -8.88
C VAL A 31 5.19 0.69 -9.31
N PHE A 32 5.20 -0.35 -8.49
CA PHE A 32 4.55 -1.62 -8.79
C PHE A 32 3.55 -1.97 -7.68
N THR A 33 2.35 -2.38 -8.09
CA THR A 33 1.34 -2.88 -7.14
C THR A 33 0.30 -3.68 -7.92
N ARG A 34 -0.67 -4.22 -7.18
CA ARG A 34 -1.64 -5.15 -7.76
C ARG A 34 -3.01 -4.54 -7.55
N THR A 35 -3.71 -4.30 -8.65
CA THR A 35 -5.00 -3.66 -8.61
C THR A 35 -6.09 -4.66 -8.96
N THR A 36 -7.34 -4.25 -8.73
CA THR A 36 -8.46 -5.14 -9.01
C THR A 36 -8.48 -5.54 -10.49
N ALA A 37 -7.99 -4.66 -11.36
CA ALA A 37 -7.92 -4.97 -12.79
C ALA A 37 -6.63 -5.68 -13.15
N GLY A 38 -5.78 -5.95 -12.17
CA GLY A 38 -4.54 -6.68 -12.34
C GLY A 38 -3.35 -5.90 -11.82
N GLU A 39 -2.16 -6.44 -12.12
CA GLU A 39 -0.91 -5.81 -11.68
C GLU A 39 -0.50 -4.72 -12.64
N ILE A 40 0.10 -3.65 -12.10
CA ILE A 40 0.47 -2.48 -12.88
C ILE A 40 1.83 -2.00 -12.44
N GLY A 41 2.62 -1.54 -13.41
CA GLY A 41 3.89 -0.87 -13.21
C GLY A 41 3.88 0.48 -13.90
N ILE A 42 4.06 1.53 -13.11
CA ILE A 42 3.90 2.92 -13.54
C ILE A 42 5.28 3.54 -13.73
N LEU A 43 5.61 3.89 -14.97
CA LEU A 43 6.86 4.57 -15.33
C LEU A 43 6.63 6.06 -15.36
N PRO A 44 7.71 6.86 -15.40
CA PRO A 44 7.56 8.32 -15.46
C PRO A 44 6.60 8.82 -16.53
N ARG A 45 6.61 8.23 -17.71
CA ARG A 45 5.67 8.57 -18.76
C ARG A 45 4.55 7.55 -18.72
N HIS A 46 3.37 7.96 -18.26
CA HIS A 46 2.27 7.02 -18.08
C HIS A 46 0.95 7.76 -18.28
N ILE A 47 -0.01 7.08 -18.91
CA ILE A 47 -1.34 7.63 -19.10
C ILE A 47 -2.00 7.75 -17.72
N PRO A 48 -2.84 8.76 -17.49
CA PRO A 48 -3.51 8.88 -16.19
C PRO A 48 -4.39 7.67 -15.91
N LEU A 49 -4.53 7.36 -14.62
CA LEU A 49 -5.14 6.12 -14.19
C LEU A 49 -5.76 6.29 -12.80
N VAL A 50 -6.87 5.58 -12.59
CA VAL A 50 -7.48 5.44 -11.28
C VAL A 50 -7.74 3.96 -11.07
N ALA A 51 -7.32 3.43 -9.92
CA ALA A 51 -7.50 2.02 -9.65
C ALA A 51 -7.76 1.83 -8.16
N GLN A 52 -8.29 0.66 -7.83
CA GLN A 52 -8.41 0.22 -6.44
C GLN A 52 -7.40 -0.91 -6.25
N LEU A 53 -6.57 -0.78 -5.23
CA LEU A 53 -5.63 -1.85 -4.94
C LEU A 53 -6.37 -3.04 -4.36
N VAL A 54 -5.84 -4.24 -4.63
CA VAL A 54 -6.40 -5.46 -4.04
C VAL A 54 -6.31 -5.37 -2.53
N ASP A 55 -7.06 -6.25 -1.84
CA ASP A 55 -7.22 -6.12 -0.40
C ASP A 55 -5.91 -6.39 0.34
N ASP A 56 -5.11 -7.34 -0.15
CA ASP A 56 -3.83 -7.62 0.48
C ASP A 56 -2.69 -7.03 -0.34
N ALA A 57 -2.86 -5.79 -0.77
CA ALA A 57 -1.93 -5.16 -1.70
C ALA A 57 -0.66 -4.73 -1.01
N MET A 58 0.44 -4.85 -1.73
CA MET A 58 1.72 -4.24 -1.37
C MET A 58 2.15 -3.35 -2.53
N VAL A 59 2.76 -2.22 -2.21
CA VAL A 59 3.20 -1.24 -3.17
C VAL A 59 4.72 -1.18 -3.12
N ARG A 60 5.37 -1.40 -4.25
CA ARG A 60 6.84 -1.35 -4.34
C ARG A 60 7.24 -0.08 -5.06
N VAL A 61 8.05 0.74 -4.39
CA VAL A 61 8.53 2.01 -4.93
C VAL A 61 10.03 1.87 -5.18
N GLU A 62 10.42 1.88 -6.44
CA GLU A 62 11.83 1.84 -6.82
C GLU A 62 12.32 3.26 -7.05
N ARG A 63 13.54 3.54 -6.59
CA ARG A 63 14.05 4.91 -6.66
C ARG A 63 15.56 4.89 -6.78
N GLU A 64 16.06 5.91 -7.45
CA GLU A 64 17.49 6.00 -7.70
C GLU A 64 18.25 6.13 -6.39
N GLY A 65 19.25 5.28 -6.19
CA GLY A 65 20.20 5.43 -5.10
C GLY A 65 19.75 4.88 -3.77
N GLU A 66 18.63 4.15 -3.74
CA GLU A 66 18.06 3.67 -2.49
C GLU A 66 17.48 2.28 -2.72
N ASP A 67 17.39 1.50 -1.65
CA ASP A 67 16.67 0.24 -1.71
C ASP A 67 15.20 0.49 -2.04
N ASP A 68 14.55 -0.53 -2.59
CA ASP A 68 13.12 -0.43 -2.83
C ASP A 68 12.39 -0.15 -1.52
N LEU A 69 11.37 0.69 -1.61
CA LEU A 69 10.47 0.98 -0.51
C LEU A 69 9.21 0.14 -0.70
N ARG A 70 8.87 -0.69 0.29
CA ARG A 70 7.69 -1.55 0.23
C ARG A 70 6.69 -1.21 1.33
N ILE A 71 5.42 -1.05 0.95
CA ILE A 71 4.37 -0.62 1.86
C ILE A 71 3.22 -1.62 1.81
N ALA A 72 2.97 -2.31 2.92
CA ALA A 72 1.70 -3.00 3.10
C ALA A 72 0.58 -1.96 3.13
N VAL A 73 -0.45 -2.19 2.32
CA VAL A 73 -1.51 -1.20 2.14
C VAL A 73 -2.87 -1.84 2.43
N ASP A 74 -3.70 -1.16 3.22
CA ASP A 74 -5.05 -1.60 3.58
C ASP A 74 -6.07 -0.62 3.02
N GLY A 75 -7.07 -1.15 2.31
CA GLY A 75 -8.05 -0.30 1.67
C GLY A 75 -7.37 0.75 0.79
N GLY A 76 -6.55 0.31 -0.14
CA GLY A 76 -5.79 1.25 -0.94
C GLY A 76 -6.47 1.62 -2.24
N PHE A 77 -6.24 2.86 -2.66
CA PHE A 77 -6.64 3.35 -3.97
C PHE A 77 -5.45 4.05 -4.59
N LEU A 78 -5.37 3.96 -5.92
CA LEU A 78 -4.33 4.60 -6.69
C LEU A 78 -4.93 5.67 -7.59
N SER A 79 -4.16 6.73 -7.80
CA SER A 79 -4.62 7.90 -8.54
C SER A 79 -3.40 8.48 -9.27
N VAL A 80 -3.17 7.99 -10.49
CA VAL A 80 -2.05 8.44 -11.32
C VAL A 80 -2.53 9.66 -12.10
N THR A 81 -2.12 10.85 -11.67
CA THR A 81 -2.41 12.07 -12.40
C THR A 81 -1.24 12.36 -13.36
N GLU A 82 -1.24 13.55 -13.96
CA GLU A 82 -0.20 13.87 -14.93
C GLU A 82 1.16 14.01 -14.28
N GLU A 83 1.21 14.46 -13.02
CA GLU A 83 2.49 14.77 -12.37
C GLU A 83 2.65 14.11 -11.01
N THR A 84 1.85 13.09 -10.69
CA THR A 84 1.97 12.45 -9.39
C THR A 84 1.36 11.06 -9.44
N VAL A 85 1.98 10.12 -8.72
CA VAL A 85 1.33 8.87 -8.33
C VAL A 85 0.89 9.03 -6.88
N ARG A 86 -0.41 9.09 -6.67
CA ARG A 86 -0.98 9.34 -5.35
C ARG A 86 -1.63 8.05 -4.85
N ILE A 87 -1.20 7.58 -3.68
CA ILE A 87 -1.74 6.37 -3.07
C ILE A 87 -2.52 6.75 -1.82
N LEU A 88 -3.86 6.60 -1.88
CA LEU A 88 -4.76 6.85 -0.77
C LEU A 88 -4.97 5.54 -0.02
N VAL A 89 -4.67 5.54 1.28
CA VAL A 89 -4.71 4.33 2.08
C VAL A 89 -5.61 4.56 3.28
N GLU A 90 -6.38 3.52 3.64
CA GLU A 90 -7.04 3.48 4.94
C GLU A 90 -6.01 3.34 6.05
N ASN A 91 -5.16 2.33 5.95
CA ASN A 91 -3.94 2.24 6.76
C ASN A 91 -2.81 1.68 5.91
N ALA A 92 -1.59 1.95 6.33
CA ALA A 92 -0.43 1.32 5.71
C ALA A 92 0.66 1.21 6.75
N GLN A 93 1.59 0.29 6.52
CA GLN A 93 2.85 0.37 7.25
C GLN A 93 3.98 -0.02 6.32
N PHE A 94 5.09 0.69 6.49
CA PHE A 94 6.29 0.52 5.71
C PHE A 94 7.06 -0.70 6.19
N GLU A 95 7.87 -1.25 5.29
CA GLU A 95 8.66 -2.44 5.62
C GLU A 95 9.39 -2.27 6.95
N SER A 96 9.80 -1.04 7.26
CA SER A 96 10.52 -0.78 8.51
C SER A 96 9.66 -1.07 9.73
N GLU A 97 8.37 -0.73 9.67
CA GLU A 97 7.51 -0.76 10.85
C GLU A 97 6.89 -2.11 11.14
N ILE A 98 6.87 -3.02 10.15
CA ILE A 98 6.03 -4.21 10.24
C ILE A 98 6.50 -5.13 11.35
N ASP A 99 5.55 -5.84 11.97
CA ASP A 99 5.82 -6.91 12.92
C ASP A 99 5.83 -8.22 12.14
N ALA A 100 7.03 -8.72 11.81
CA ALA A 100 7.14 -9.93 11.01
C ALA A 100 6.48 -11.13 11.66
N ASP A 101 6.57 -11.22 12.99
CA ASP A 101 5.90 -12.31 13.69
C ASP A 101 4.38 -12.17 13.61
N ALA A 102 3.86 -10.99 13.94
CA ALA A 102 2.42 -10.78 13.92
C ALA A 102 1.84 -10.88 12.52
N ALA A 103 2.63 -10.54 11.50
CA ALA A 103 2.15 -10.64 10.13
C ALA A 103 1.83 -12.09 9.77
N LYS A 104 2.71 -13.02 10.16
CA LYS A 104 2.43 -14.43 9.93
C LYS A 104 1.30 -14.93 10.83
N GLU A 105 1.14 -14.33 12.01
CA GLU A 105 0.05 -14.72 12.90
C GLU A 105 -1.30 -14.31 12.31
N ASP A 106 -1.41 -13.07 11.85
CA ASP A 106 -2.62 -12.62 11.17
C ASP A 106 -2.78 -13.26 9.80
N ALA A 107 -1.68 -13.72 9.20
CA ALA A 107 -1.76 -14.38 7.89
C ALA A 107 -2.63 -15.63 7.97
N ALA A 108 -2.53 -16.37 9.08
CA ALA A 108 -3.43 -17.49 9.32
C ALA A 108 -4.86 -16.98 9.37
N SER A 109 -5.66 -17.34 8.35
CA SER A 109 -6.97 -16.75 8.13
C SER A 109 -7.89 -16.91 9.33
N ASP A 110 -7.67 -16.09 10.37
CA ASP A 110 -8.65 -15.96 11.44
C ASP A 110 -9.93 -15.37 10.85
N ASP A 111 -9.91 -14.07 10.58
CA ASP A 111 -10.92 -13.43 9.74
C ASP A 111 -10.29 -13.10 8.39
N GLU A 112 -11.10 -13.16 7.33
CA GLU A 112 -10.57 -12.94 5.99
C GLU A 112 -10.00 -11.53 5.85
N ARG A 113 -10.61 -10.55 6.52
CA ARG A 113 -10.05 -9.20 6.51
C ARG A 113 -8.73 -9.14 7.27
N THR A 114 -8.56 -10.00 8.27
CA THR A 114 -7.29 -10.07 9.00
C THR A 114 -6.21 -10.73 8.17
N ALA A 115 -6.58 -11.70 7.33
CA ALA A 115 -5.58 -12.41 6.51
C ALA A 115 -5.03 -11.51 5.41
N ALA A 116 -5.88 -10.64 4.84
CA ALA A 116 -5.41 -9.72 3.82
C ALA A 116 -4.33 -8.79 4.36
N TRP A 117 -4.58 -8.22 5.53
CA TRP A 117 -3.60 -7.36 6.19
C TRP A 117 -2.37 -8.14 6.60
N GLY A 118 -2.53 -9.43 6.91
CA GLY A 118 -1.38 -10.27 7.18
C GLY A 118 -0.57 -10.53 5.93
N ARG A 119 -1.25 -10.85 4.82
CA ARG A 119 -0.55 -11.14 3.57
C ARG A 119 0.12 -9.88 3.03
N ALA A 120 -0.64 -8.78 2.94
CA ALA A 120 -0.08 -7.49 2.55
C ALA A 120 1.21 -7.20 3.29
N ARG A 121 1.26 -7.54 4.58
CA ARG A 121 2.45 -7.26 5.37
C ARG A 121 3.57 -8.24 5.05
N LEU A 122 3.23 -9.52 4.84
CA LEU A 122 4.24 -10.49 4.45
C LEU A 122 4.84 -10.13 3.10
N ARG A 123 4.01 -9.62 2.18
CA ARG A 123 4.51 -9.20 0.89
C ARG A 123 5.48 -8.02 1.02
N ALA A 124 5.20 -7.09 1.94
CA ALA A 124 6.12 -5.99 2.14
C ALA A 124 7.42 -6.42 2.79
N LEU A 125 7.41 -7.53 3.52
CA LEU A 125 8.65 -8.09 4.04
C LEU A 125 9.41 -8.88 2.99
N GLY A 126 8.90 -8.99 1.77
CA GLY A 126 9.44 -9.92 0.80
C GLY A 126 9.25 -11.37 1.17
N GLN A 127 8.38 -11.67 2.14
CA GLN A 127 8.24 -13.04 2.63
C GLN A 127 7.36 -13.89 1.73
N ILE A 128 6.34 -13.30 1.13
CA ILE A 128 5.44 -14.01 0.22
C ILE A 128 5.41 -13.27 -1.10
N ASP A 129 4.92 -13.96 -2.13
CA ASP A 129 4.78 -13.39 -3.46
C ASP A 129 3.42 -12.68 -3.59
AS CAC B . -22.22 10.44 11.28
O1 CAC B . -20.73 11.29 11.51
O2 CAC B . -22.03 8.78 11.73
C1 CAC B . -23.61 11.28 12.40
C2 CAC B . -22.75 10.53 9.40
#